data_3AMN
#
_entry.id   3AMN
#
_cell.length_a   41.952
_cell.length_b   74.070
_cell.length_c   180.330
_cell.angle_alpha   90.00
_cell.angle_beta   90.00
_cell.angle_gamma   90.00
#
_symmetry.space_group_name_H-M   'P 21 21 21'
#
loop_
_entity.id
_entity.type
_entity.pdbx_description
1 polymer Endo-1,4-beta-glucanase
2 branched beta-D-glucopyranose-(1-4)-alpha-D-glucopyranose
3 branched beta-D-glucopyranose-(1-4)-beta-D-glucopyranose
4 water water
#
_entity_poly.entity_id   1
_entity_poly.type   'polypeptide(L)'
_entity_poly.pdbx_seq_one_letter_code
;MGHHHHHHMVLMTKPGTSDFVWNGIPLSMELNLWNIKEYSGSVAMKFDGEKITFDADIQNLSPKEPERYVLGYPEFYYGY
KPWENHTAEGSKLPVPVSSMKSFSVEVSFDIHHEPSLPLNFAMETWLTREKYQTEASIGDVCIMVWFYFNNLTPGGEKIE
EFTIPFVLNGESVEGTWELWLAEWGWDYLAFRLKDPVKKGRVKFDVRHFLDAAGKALSSSARVKDFEDLYFTVWEIGTEF
GSPETKSAQFGWKFENFSIDLEVRE
;
_entity_poly.pdbx_strand_id   A,B
#
# COMPACT_ATOMS: atom_id res chain seq x y z
N MET A 9 7.83 6.97 -7.50
CA MET A 9 7.38 5.95 -6.51
C MET A 9 7.99 4.58 -6.81
N VAL A 10 8.41 3.86 -5.77
CA VAL A 10 8.93 2.51 -5.90
C VAL A 10 7.86 1.63 -5.29
N LEU A 11 7.43 0.60 -5.97
CA LEU A 11 6.41 -0.33 -5.49
C LEU A 11 6.92 -1.76 -5.78
N MET A 12 6.96 -2.60 -4.76
CA MET A 12 7.34 -4.01 -4.89
C MET A 12 6.25 -4.85 -4.28
N THR A 13 5.88 -5.93 -4.94
CA THR A 13 4.87 -6.83 -4.40
C THR A 13 5.35 -8.32 -4.36
N LYS A 14 6.66 -8.48 -4.42
CA LYS A 14 7.29 -9.81 -4.23
C LYS A 14 8.70 -9.51 -3.70
N PRO A 15 9.35 -10.52 -3.13
CA PRO A 15 10.70 -10.29 -2.59
C PRO A 15 11.67 -9.71 -3.59
N GLY A 16 12.44 -8.77 -3.12
CA GLY A 16 13.41 -8.11 -3.98
C GLY A 16 13.97 -6.88 -3.32
N THR A 17 14.87 -6.20 -4.00
CA THR A 17 15.55 -5.03 -3.55
C THR A 17 15.41 -3.94 -4.58
N SER A 18 15.17 -2.74 -4.13
CA SER A 18 15.16 -1.54 -4.97
C SER A 18 15.93 -0.45 -4.34
N ASP A 19 16.77 0.24 -5.11
CA ASP A 19 17.44 1.41 -4.59
C ASP A 19 16.55 2.66 -4.74
N PHE A 20 16.73 3.64 -3.84
CA PHE A 20 15.94 4.86 -3.90
C PHE A 20 16.74 5.96 -3.20
N VAL A 21 16.21 7.19 -3.28
CA VAL A 21 16.83 8.31 -2.64
C VAL A 21 15.75 9.00 -1.82
N TRP A 22 16.07 9.25 -0.54
CA TRP A 22 15.09 9.88 0.35
C TRP A 22 15.78 11.08 0.94
N ASN A 23 15.26 12.26 0.56
CA ASN A 23 15.84 13.54 0.94
C ASN A 23 17.32 13.56 0.82
N GLY A 24 17.72 13.18 -0.38
CA GLY A 24 19.13 13.18 -0.72
C GLY A 24 20.01 12.05 -0.24
N ILE A 25 19.45 11.12 0.54
CA ILE A 25 20.21 10.01 1.08
C ILE A 25 19.94 8.75 0.21
N PRO A 26 21.01 8.13 -0.31
CA PRO A 26 20.84 6.93 -1.14
C PRO A 26 20.61 5.73 -0.19
N LEU A 27 19.58 4.96 -0.56
CA LEU A 27 19.16 3.85 0.28
C LEU A 27 18.75 2.68 -0.50
N SER A 28 18.57 1.54 0.16
CA SER A 28 18.04 0.35 -0.50
C SER A 28 16.82 -0.15 0.27
N MET A 29 15.78 -0.56 -0.38
CA MET A 29 14.68 -1.17 0.34
C MET A 29 14.60 -2.59 -0.07
N GLU A 30 14.40 -3.50 0.88
CA GLU A 30 14.35 -4.90 0.59
C GLU A 30 13.07 -5.51 1.17
N LEU A 31 12.24 -6.07 0.30
CA LEU A 31 11.03 -6.79 0.73
C LEU A 31 11.66 -8.14 1.01
N ASN A 32 12.08 -8.32 2.26
CA ASN A 32 12.94 -9.41 2.68
C ASN A 32 12.20 -10.51 3.41
N LEU A 33 11.96 -11.62 2.73
CA LEU A 33 11.27 -12.81 3.32
C LEU A 33 12.38 -13.92 3.33
N TRP A 34 13.53 -13.60 3.88
CA TRP A 34 14.70 -14.48 3.71
C TRP A 34 14.58 -15.87 4.19
N ASN A 35 13.77 -16.08 5.22
CA ASN A 35 13.68 -17.45 5.76
C ASN A 35 12.33 -18.07 5.49
N ILE A 36 11.57 -17.58 4.49
CA ILE A 36 10.28 -18.16 4.12
C ILE A 36 10.46 -19.08 2.92
N LYS A 37 10.12 -20.39 3.10
CA LYS A 37 10.21 -21.35 1.97
C LYS A 37 9.06 -21.18 0.99
N GLU A 38 7.87 -21.01 1.53
CA GLU A 38 6.70 -20.77 0.71
C GLU A 38 5.69 -19.95 1.49
N TYR A 39 4.91 -19.22 0.71
CA TYR A 39 3.80 -18.46 1.25
C TYR A 39 2.75 -18.21 0.19
N SER A 40 1.55 -17.90 0.63
CA SER A 40 0.50 -17.48 -0.28
C SER A 40 0.03 -16.11 0.24
N GLY A 41 -0.73 -15.38 -0.57
CA GLY A 41 -1.21 -14.11 -0.07
C GLY A 41 -0.52 -12.90 -0.62
N SER A 42 -0.55 -11.79 0.10
CA SER A 42 -0.02 -10.57 -0.44
C SER A 42 1.03 -9.87 0.41
N VAL A 43 2.02 -9.31 -0.27
CA VAL A 43 3.00 -8.41 0.36
C VAL A 43 3.16 -7.18 -0.52
N ALA A 44 3.35 -6.01 0.07
CA ALA A 44 3.51 -4.79 -0.74
C ALA A 44 4.40 -3.83 0.02
N MET A 45 5.42 -3.27 -0.63
CA MET A 45 6.33 -2.29 -0.04
C MET A 45 6.37 -1.11 -0.99
N LYS A 46 6.24 0.09 -0.48
CA LYS A 46 6.18 1.27 -1.34
C LYS A 46 6.93 2.42 -0.76
N PHE A 47 7.62 3.19 -1.60
CA PHE A 47 8.27 4.43 -1.21
C PHE A 47 7.66 5.49 -2.11
N ASP A 48 7.18 6.61 -1.54
CA ASP A 48 6.54 7.65 -2.36
C ASP A 48 7.25 9.00 -2.31
N GLY A 49 8.48 9.04 -1.81
CA GLY A 49 9.22 10.29 -1.65
C GLY A 49 9.21 10.87 -0.24
N GLU A 50 8.17 10.52 0.53
CA GLU A 50 7.99 11.04 1.90
C GLU A 50 7.92 9.92 2.93
N LYS A 51 7.51 8.73 2.48
CA LYS A 51 7.35 7.64 3.45
C LYS A 51 7.55 6.30 2.80
N ILE A 52 7.97 5.34 3.60
CA ILE A 52 8.08 3.95 3.11
C ILE A 52 7.04 3.17 3.89
N THR A 53 6.22 2.39 3.20
CA THR A 53 5.23 1.57 3.86
C THR A 53 5.41 0.12 3.47
N PHE A 54 5.01 -0.75 4.37
CA PHE A 54 5.00 -2.20 4.11
C PHE A 54 3.74 -2.81 4.65
N ASP A 55 3.13 -3.72 3.92
CA ASP A 55 2.00 -4.46 4.41
C ASP A 55 2.08 -5.90 3.98
N ALA A 56 1.71 -6.81 4.88
CA ALA A 56 1.63 -8.22 4.56
C ALA A 56 0.36 -8.85 5.04
N ASP A 57 -0.20 -9.74 4.23
CA ASP A 57 -1.35 -10.56 4.64
C ASP A 57 -1.06 -11.87 3.95
N ILE A 58 -0.25 -12.68 4.62
CA ILE A 58 0.24 -13.94 4.04
C ILE A 58 -0.15 -15.17 4.84
N GLN A 59 -0.26 -16.27 4.14
CA GLN A 59 -0.71 -17.55 4.77
C GLN A 59 0.14 -18.70 4.22
N ASN A 60 -0.13 -19.90 4.73
CA ASN A 60 0.58 -21.12 4.30
C ASN A 60 2.07 -21.00 4.41
N LEU A 61 2.52 -20.41 5.53
CA LEU A 61 3.93 -20.17 5.70
C LEU A 61 4.69 -21.37 6.22
N SER A 62 5.90 -21.54 5.73
CA SER A 62 6.83 -22.53 6.29
C SER A 62 8.22 -21.91 6.11
N PRO A 63 9.09 -22.14 7.07
CA PRO A 63 10.46 -21.62 7.06
C PRO A 63 11.39 -22.42 6.20
N LYS A 64 12.42 -21.73 5.67
CA LYS A 64 13.47 -22.48 4.96
C LYS A 64 14.26 -23.25 6.01
N GLU A 65 14.58 -22.61 7.15
CA GLU A 65 15.38 -23.23 8.21
C GLU A 65 14.79 -22.83 9.56
N PRO A 66 14.09 -23.74 10.27
CA PRO A 66 13.50 -23.38 11.56
C PRO A 66 14.54 -23.01 12.61
N GLU A 67 15.78 -23.43 12.46
CA GLU A 67 16.82 -23.11 13.43
C GLU A 67 17.06 -21.57 13.46
N ARG A 68 16.75 -20.88 12.36
CA ARG A 68 16.94 -19.42 12.33
C ARG A 68 15.82 -18.68 13.02
N TYR A 69 14.75 -19.40 13.36
CA TYR A 69 13.58 -18.90 14.15
C TYR A 69 12.65 -17.94 13.40
N VAL A 70 13.14 -16.75 13.10
CA VAL A 70 12.31 -15.76 12.40
C VAL A 70 12.10 -16.10 10.94
N LEU A 71 11.11 -15.50 10.34
CA LEU A 71 10.77 -15.76 8.94
C LEU A 71 11.26 -14.71 7.97
N GLY A 72 11.30 -13.44 8.38
CA GLY A 72 11.72 -12.41 7.42
C GLY A 72 12.05 -11.12 8.15
N TYR A 73 12.46 -10.12 7.35
CA TYR A 73 12.89 -8.82 7.87
C TYR A 73 12.71 -7.72 6.83
N PRO A 74 11.47 -7.40 6.50
CA PRO A 74 11.23 -6.27 5.50
C PRO A 74 11.91 -5.06 6.11
N GLU A 75 12.65 -4.32 5.28
CA GLU A 75 13.53 -3.29 5.78
C GLU A 75 14.00 -2.30 4.72
N PHE A 76 14.67 -1.27 5.18
CA PHE A 76 15.43 -0.41 4.28
C PHE A 76 16.77 -0.19 4.93
N TYR A 77 17.79 0.17 4.13
CA TYR A 77 19.10 0.31 4.72
C TYR A 77 19.99 1.29 4.02
N TYR A 78 20.95 1.81 4.77
CA TYR A 78 21.96 2.75 4.29
C TYR A 78 23.26 2.01 4.30
N GLY A 79 23.99 1.97 3.17
CA GLY A 79 25.25 1.26 3.17
C GLY A 79 25.22 -0.13 2.51
N TYR A 80 26.22 -0.95 2.87
CA TYR A 80 26.48 -2.23 2.17
C TYR A 80 26.00 -3.38 3.01
N LYS A 81 25.01 -4.12 2.54
CA LYS A 81 24.52 -5.30 3.26
C LYS A 81 25.37 -6.48 2.78
N PRO A 82 26.20 -7.06 3.64
CA PRO A 82 27.04 -8.16 3.18
C PRO A 82 26.37 -9.32 2.52
N TRP A 83 25.29 -9.77 3.13
CA TRP A 83 24.58 -10.93 2.63
C TRP A 83 24.00 -10.75 1.24
N GLU A 84 23.73 -9.52 0.81
CA GLU A 84 23.19 -9.33 -0.54
C GLU A 84 24.25 -8.75 -1.47
N ASN A 85 25.48 -8.58 -0.94
CA ASN A 85 26.58 -8.02 -1.73
C ASN A 85 26.07 -6.79 -2.47
N HIS A 86 25.40 -5.90 -1.71
CA HIS A 86 24.80 -4.75 -2.31
C HIS A 86 24.87 -3.50 -1.54
N THR A 87 25.15 -2.41 -2.22
CA THR A 87 25.05 -1.07 -1.68
C THR A 87 24.59 -0.13 -2.76
N ALA A 88 23.74 0.82 -2.45
CA ALA A 88 23.40 1.85 -3.45
C ALA A 88 24.66 2.69 -3.62
N GLU A 89 24.78 3.37 -4.77
CA GLU A 89 25.91 4.25 -4.94
C GLU A 89 25.80 5.50 -4.05
N GLY A 90 26.92 6.02 -3.55
CA GLY A 90 26.87 7.25 -2.78
C GLY A 90 26.84 7.12 -1.29
N SER A 91 26.88 5.90 -0.78
CA SER A 91 26.89 5.76 0.65
C SER A 91 28.29 6.02 1.22
N LYS A 92 28.35 6.56 2.43
CA LYS A 92 29.63 6.78 3.11
C LYS A 92 30.11 5.51 3.82
N LEU A 93 29.24 4.50 3.94
CA LEU A 93 29.65 3.24 4.58
C LEU A 93 30.04 2.27 3.47
N PRO A 94 30.88 1.27 3.75
CA PRO A 94 31.49 0.98 5.07
C PRO A 94 32.65 1.86 5.47
N VAL A 95 32.84 1.98 6.77
CA VAL A 95 34.03 2.67 7.32
C VAL A 95 34.48 1.90 8.56
N PRO A 96 35.75 1.98 8.98
CA PRO A 96 36.16 1.26 10.18
C PRO A 96 35.43 1.86 11.40
N VAL A 97 35.08 0.99 12.34
CA VAL A 97 34.41 1.46 13.55
C VAL A 97 35.21 2.58 14.27
N SER A 98 36.56 2.41 14.27
CA SER A 98 37.42 3.39 14.89
C SER A 98 37.32 4.79 14.30
N SER A 99 36.87 4.90 13.04
CA SER A 99 36.76 6.21 12.43
C SER A 99 35.46 6.93 12.70
N MET A 100 34.51 6.22 13.34
CA MET A 100 33.23 6.85 13.59
C MET A 100 33.18 7.69 14.86
N LYS A 101 33.06 9.01 14.72
CA LYS A 101 32.98 9.84 15.89
C LYS A 101 31.55 9.76 16.35
N SER A 102 30.58 9.83 15.43
CA SER A 102 29.19 9.76 15.83
C SER A 102 28.37 9.35 14.63
N PHE A 103 27.20 8.78 14.88
CA PHE A 103 26.36 8.38 13.76
C PHE A 103 24.94 8.50 14.25
N SER A 104 24.30 9.62 13.98
CA SER A 104 22.94 9.86 14.42
C SER A 104 21.97 9.30 13.45
N VAL A 105 20.95 8.60 13.94
CA VAL A 105 19.91 8.08 13.14
C VAL A 105 18.59 8.55 13.68
N GLU A 106 17.68 9.01 12.83
CA GLU A 106 16.36 9.43 13.24
C GLU A 106 15.30 8.91 12.30
N VAL A 107 14.22 8.42 12.87
CA VAL A 107 13.10 7.97 12.06
C VAL A 107 11.80 7.98 12.86
N SER A 108 10.67 8.21 12.23
CA SER A 108 9.40 8.04 12.91
C SER A 108 8.81 6.73 12.30
N PHE A 109 8.03 6.06 13.13
CA PHE A 109 7.48 4.79 12.75
C PHE A 109 6.14 4.51 13.34
N ASP A 110 5.41 3.61 12.73
CA ASP A 110 4.09 3.23 13.26
C ASP A 110 3.99 1.79 12.86
N ILE A 111 3.92 0.88 13.83
CA ILE A 111 3.86 -0.55 13.51
C ILE A 111 2.49 -1.10 13.88
N HIS A 112 1.92 -1.94 13.05
CA HIS A 112 0.67 -2.59 13.44
C HIS A 112 0.80 -4.08 13.12
N HIS A 113 0.15 -4.91 13.93
CA HIS A 113 0.24 -6.35 13.72
C HIS A 113 -0.85 -7.08 14.44
N GLU A 114 -1.22 -8.22 13.92
CA GLU A 114 -2.20 -9.08 14.65
C GLU A 114 -1.52 -9.40 16.02
N PRO A 115 -2.32 -9.54 17.11
CA PRO A 115 -1.69 -9.77 18.39
C PRO A 115 -0.78 -10.93 18.61
N SER A 116 -1.02 -12.04 17.93
CA SER A 116 -0.18 -13.19 18.19
C SER A 116 1.16 -13.25 17.50
N LEU A 117 1.39 -12.32 16.56
CA LEU A 117 2.55 -12.48 15.68
C LEU A 117 3.87 -12.06 16.28
N PRO A 118 4.87 -12.97 16.33
CA PRO A 118 6.20 -12.60 16.83
C PRO A 118 6.74 -11.50 15.90
N LEU A 119 7.17 -10.40 16.47
CA LEU A 119 7.62 -9.28 15.63
C LEU A 119 8.50 -8.35 16.44
N ASN A 120 9.46 -7.71 15.79
CA ASN A 120 10.14 -6.61 16.44
C ASN A 120 10.25 -5.39 15.49
N PHE A 121 10.64 -4.26 16.04
CA PHE A 121 11.08 -3.12 15.22
C PHE A 121 12.53 -3.02 15.62
N ALA A 122 13.42 -3.41 14.71
CA ALA A 122 14.83 -3.52 15.02
C ALA A 122 15.70 -2.98 13.91
N MET A 123 16.78 -2.34 14.35
CA MET A 123 17.80 -1.78 13.49
C MET A 123 19.01 -2.63 13.67
N GLU A 124 19.87 -2.70 12.66
CA GLU A 124 21.07 -3.48 12.83
C GLU A 124 22.21 -3.12 11.94
N THR A 125 23.39 -3.53 12.36
CA THR A 125 24.57 -3.41 11.55
C THR A 125 25.34 -4.73 11.56
N TRP A 126 26.26 -4.86 10.59
CA TRP A 126 27.16 -5.99 10.49
C TRP A 126 28.60 -5.42 10.54
N LEU A 127 29.38 -5.88 11.49
CA LEU A 127 30.77 -5.41 11.63
C LEU A 127 31.62 -6.54 11.13
N THR A 128 32.38 -6.31 10.04
CA THR A 128 33.13 -7.40 9.41
C THR A 128 34.64 -7.06 9.33
N ARG A 129 35.41 -8.13 9.23
CA ARG A 129 36.87 -7.99 9.18
C ARG A 129 37.33 -7.34 7.90
N GLU A 130 36.73 -7.73 6.79
CA GLU A 130 37.06 -7.12 5.51
C GLU A 130 35.95 -6.17 5.11
N LYS A 131 36.23 -5.26 4.18
CA LYS A 131 35.26 -4.25 3.85
C LYS A 131 34.01 -4.73 3.13
N TYR A 132 34.17 -5.63 2.15
CA TYR A 132 33.06 -6.11 1.38
C TYR A 132 32.89 -7.62 1.36
N GLN A 133 32.66 -8.20 2.54
CA GLN A 133 32.42 -9.61 2.67
C GLN A 133 31.04 -9.91 2.14
N THR A 134 30.79 -11.17 1.80
CA THR A 134 29.46 -11.54 1.34
C THR A 134 28.78 -12.41 2.36
N GLU A 135 29.37 -12.53 3.55
CA GLU A 135 28.74 -13.27 4.64
C GLU A 135 29.44 -12.84 5.90
N ALA A 136 28.92 -13.20 7.06
CA ALA A 136 29.59 -12.94 8.33
C ALA A 136 29.99 -14.32 8.85
N SER A 137 31.12 -14.39 9.56
CA SER A 137 31.57 -15.66 10.16
C SER A 137 32.34 -15.36 11.44
N ILE A 138 33.04 -16.36 12.00
CA ILE A 138 33.76 -16.11 13.25
C ILE A 138 34.74 -14.96 13.13
N GLY A 139 34.65 -14.01 14.07
CA GLY A 139 35.47 -12.83 14.04
C GLY A 139 34.60 -11.60 13.73
N ASP A 140 33.41 -11.83 13.17
CA ASP A 140 32.49 -10.72 12.81
C ASP A 140 31.39 -10.59 13.87
N VAL A 141 30.69 -9.46 13.81
CA VAL A 141 29.67 -9.14 14.82
C VAL A 141 28.41 -8.57 14.19
N CYS A 142 27.26 -9.02 14.62
CA CYS A 142 26.02 -8.39 14.25
C CYS A 142 25.52 -7.62 15.47
N ILE A 143 25.18 -6.36 15.35
CA ILE A 143 24.62 -5.60 16.48
C ILE A 143 23.22 -5.17 16.13
N MET A 144 22.21 -5.50 16.94
CA MET A 144 20.84 -5.06 16.70
C MET A 144 20.41 -4.12 17.81
N VAL A 145 19.46 -3.24 17.50
CA VAL A 145 18.88 -2.29 18.43
C VAL A 145 17.37 -2.44 18.24
N TRP A 146 16.70 -2.98 19.28
CA TRP A 146 15.27 -3.21 19.20
C TRP A 146 14.48 -2.16 19.94
N PHE A 147 13.65 -1.39 19.24
CA PHE A 147 12.78 -0.43 19.93
C PHE A 147 11.44 -0.98 20.25
N TYR A 148 11.02 -2.09 19.66
CA TYR A 148 9.70 -2.68 19.93
C TYR A 148 9.83 -4.17 19.75
N PHE A 149 9.01 -4.91 20.47
CA PHE A 149 8.90 -6.35 20.28
C PHE A 149 7.53 -6.81 20.73
N ASN A 150 7.12 -7.91 20.14
CA ASN A 150 5.84 -8.53 20.51
C ASN A 150 6.08 -10.00 20.37
N ASN A 151 5.85 -10.79 21.44
CA ASN A 151 6.01 -12.26 21.36
C ASN A 151 7.33 -12.71 20.74
N LEU A 152 8.41 -12.00 21.09
CA LEU A 152 9.70 -12.32 20.55
C LEU A 152 10.80 -11.84 21.46
N THR A 153 11.72 -12.72 21.77
CA THR A 153 12.89 -12.34 22.54
C THR A 153 14.12 -12.46 21.62
N PRO A 154 15.20 -11.73 21.92
CA PRO A 154 16.38 -11.84 21.08
C PRO A 154 17.00 -13.25 21.24
N GLY A 155 17.93 -13.53 20.34
CA GLY A 155 18.64 -14.79 20.44
C GLY A 155 19.62 -14.74 21.60
N GLY A 156 20.09 -15.93 21.95
CA GLY A 156 21.08 -16.08 23.00
C GLY A 156 20.52 -15.88 24.38
N GLU A 157 21.29 -15.24 25.23
CA GLU A 157 20.77 -14.94 26.56
C GLU A 157 21.12 -13.53 27.01
N LYS A 158 20.29 -13.04 27.91
CA LYS A 158 20.48 -11.72 28.42
C LYS A 158 21.67 -11.72 29.36
N ILE A 159 22.63 -10.86 29.08
CA ILE A 159 23.84 -10.78 29.92
C ILE A 159 24.03 -9.50 30.68
N GLU A 160 23.56 -8.36 30.16
CA GLU A 160 23.81 -7.08 30.79
C GLU A 160 22.70 -6.09 30.54
N GLU A 161 22.75 -4.97 31.22
CA GLU A 161 21.88 -3.85 30.93
C GLU A 161 22.75 -2.60 30.83
N PHE A 162 22.36 -1.73 29.90
CA PHE A 162 23.02 -0.42 29.72
C PHE A 162 21.99 0.69 29.71
N THR A 163 22.38 1.86 30.26
CA THR A 163 21.51 3.04 30.22
C THR A 163 22.08 3.88 29.07
N ILE A 164 21.24 4.08 28.04
CA ILE A 164 21.71 4.83 26.85
C ILE A 164 20.62 5.79 26.48
N PRO A 165 20.98 7.09 26.32
CA PRO A 165 19.97 8.09 25.98
C PRO A 165 19.52 8.03 24.52
N PHE A 166 18.31 8.50 24.32
CA PHE A 166 17.80 8.68 22.96
C PHE A 166 16.74 9.76 23.03
N VAL A 167 16.32 10.29 21.90
CA VAL A 167 15.31 11.33 21.90
C VAL A 167 14.03 10.68 21.41
N LEU A 168 12.97 10.72 22.22
CA LEU A 168 11.71 10.10 21.94
C LEU A 168 10.66 11.17 21.74
N ASN A 169 10.13 11.30 20.55
CA ASN A 169 9.11 12.31 20.26
C ASN A 169 9.63 13.69 20.60
N GLY A 170 10.90 13.91 20.39
CA GLY A 170 11.49 15.21 20.63
C GLY A 170 12.03 15.46 22.01
N GLU A 171 11.82 14.52 22.93
CA GLU A 171 12.28 14.67 24.32
C GLU A 171 13.42 13.73 24.64
N SER A 172 14.51 14.23 25.20
CA SER A 172 15.63 13.38 25.58
C SER A 172 15.21 12.51 26.77
N VAL A 173 15.39 11.19 26.66
CA VAL A 173 15.06 10.24 27.72
C VAL A 173 16.25 9.29 27.88
N GLU A 174 16.29 8.59 29.02
CA GLU A 174 17.35 7.60 29.23
C GLU A 174 16.69 6.23 29.09
N GLY A 175 17.10 5.46 28.09
CA GLY A 175 16.48 4.15 27.97
C GLY A 175 17.30 3.12 28.75
N THR A 176 16.63 2.05 29.15
CA THR A 176 17.33 0.91 29.77
C THR A 176 17.25 -0.17 28.71
N TRP A 177 18.43 -0.65 28.32
CA TRP A 177 18.60 -1.59 27.21
C TRP A 177 19.18 -2.89 27.69
N GLU A 178 18.48 -3.97 27.43
CA GLU A 178 19.04 -5.26 27.76
C GLU A 178 19.98 -5.68 26.70
N LEU A 179 21.12 -6.22 27.02
CA LEU A 179 22.02 -6.76 26.03
C LEU A 179 21.96 -8.26 26.03
N TRP A 180 21.57 -8.86 24.89
CA TRP A 180 21.53 -10.29 24.68
C TRP A 180 22.71 -10.67 23.81
N LEU A 181 23.39 -11.76 24.14
CA LEU A 181 24.56 -12.23 23.39
C LEU A 181 24.37 -13.67 22.98
N ALA A 182 24.69 -13.95 21.72
CA ALA A 182 24.70 -15.33 21.21
C ALA A 182 25.96 -15.50 20.42
N GLU A 183 26.59 -16.66 20.56
CA GLU A 183 27.79 -16.97 19.79
C GLU A 183 27.35 -18.03 18.77
N TRP A 184 27.17 -17.61 17.53
CA TRP A 184 26.73 -18.52 16.51
C TRP A 184 27.84 -18.61 15.50
N GLY A 185 27.49 -18.53 14.21
CA GLY A 185 28.52 -18.54 13.17
C GLY A 185 29.30 -17.21 13.20
N TRP A 186 28.76 -16.22 13.90
CA TRP A 186 29.37 -14.90 14.15
C TRP A 186 28.81 -14.51 15.53
N ASP A 187 29.22 -13.36 16.08
CA ASP A 187 28.70 -12.96 17.41
C ASP A 187 27.48 -12.10 17.17
N TYR A 188 26.42 -12.39 17.90
CA TYR A 188 25.16 -11.64 17.83
C TYR A 188 24.96 -10.88 19.12
N LEU A 189 24.79 -9.58 19.03
CA LEU A 189 24.52 -8.74 20.18
C LEU A 189 23.25 -8.01 19.91
N ALA A 190 22.23 -8.13 20.74
CA ALA A 190 21.00 -7.40 20.53
C ALA A 190 20.70 -6.57 21.75
N PHE A 191 20.53 -5.28 21.56
CA PHE A 191 20.16 -4.36 22.62
C PHE A 191 18.66 -4.18 22.56
N ARG A 192 17.90 -4.54 23.61
CA ARG A 192 16.46 -4.45 23.54
C ARG A 192 15.95 -3.46 24.56
N LEU A 193 15.24 -2.45 24.11
CA LEU A 193 14.69 -1.39 24.98
C LEU A 193 13.64 -2.04 25.91
N LYS A 194 13.76 -1.71 27.20
CA LYS A 194 12.85 -2.34 28.16
C LYS A 194 11.46 -1.78 28.19
N ASP A 195 11.27 -0.57 27.66
CA ASP A 195 9.94 0.04 27.55
C ASP A 195 9.74 0.16 26.04
N PRO A 196 9.25 -0.91 25.40
CA PRO A 196 9.07 -0.87 23.94
C PRO A 196 8.09 0.18 23.47
N VAL A 197 8.35 0.71 22.28
CA VAL A 197 7.57 1.79 21.67
C VAL A 197 7.06 1.28 20.32
N LYS A 198 5.75 1.22 20.13
CA LYS A 198 5.11 0.69 18.96
C LYS A 198 4.94 1.77 17.86
N LYS A 199 4.90 3.05 18.25
CA LYS A 199 4.68 4.16 17.30
C LYS A 199 5.33 5.37 17.93
N GLY A 200 6.09 6.13 17.17
CA GLY A 200 6.71 7.35 17.67
C GLY A 200 7.85 7.79 16.80
N ARG A 201 8.69 8.64 17.31
CA ARG A 201 9.85 9.13 16.60
C ARG A 201 11.03 8.94 17.52
N VAL A 202 12.12 8.38 17.02
CA VAL A 202 13.32 8.23 17.80
C VAL A 202 14.54 8.78 17.09
N LYS A 203 15.48 9.32 17.84
CA LYS A 203 16.75 9.76 17.33
C LYS A 203 17.79 9.33 18.34
N PHE A 204 18.91 8.80 17.88
CA PHE A 204 19.93 8.35 18.76
C PHE A 204 21.26 8.25 18.07
N ASP A 205 22.31 8.12 18.83
CA ASP A 205 23.66 8.02 18.29
C ASP A 205 24.12 6.56 18.39
N VAL A 206 24.32 5.92 17.24
CA VAL A 206 24.76 4.55 17.17
C VAL A 206 26.09 4.36 17.91
N ARG A 207 26.91 5.41 18.01
CA ARG A 207 28.19 5.25 18.70
C ARG A 207 28.00 4.77 20.16
N HIS A 208 26.87 5.12 20.80
CA HIS A 208 26.70 4.62 22.18
C HIS A 208 26.55 3.09 22.23
N PHE A 209 25.91 2.52 21.22
CA PHE A 209 25.75 1.06 21.17
C PHE A 209 27.05 0.38 20.73
N LEU A 210 27.82 1.04 19.85
CA LEU A 210 29.13 0.48 19.51
C LEU A 210 30.06 0.47 20.74
N ASP A 211 30.01 1.55 21.52
CA ASP A 211 30.82 1.61 22.73
C ASP A 211 30.40 0.52 23.70
N ALA A 212 29.08 0.36 23.89
CA ALA A 212 28.66 -0.70 24.83
C ALA A 212 29.04 -2.11 24.35
N ALA A 213 28.89 -2.33 23.06
CA ALA A 213 29.25 -3.62 22.48
C ALA A 213 30.76 -3.89 22.64
N GLY A 214 31.58 -2.87 22.38
CA GLY A 214 33.01 -3.03 22.56
C GLY A 214 33.35 -3.42 23.97
N LYS A 215 32.71 -2.81 24.94
CA LYS A 215 33.00 -3.17 26.34
C LYS A 215 32.52 -4.59 26.59
N ALA A 216 31.29 -4.92 26.13
CA ALA A 216 30.81 -6.27 26.38
C ALA A 216 31.66 -7.34 25.80
N LEU A 217 32.34 -7.06 24.67
CA LEU A 217 33.16 -8.02 23.95
C LEU A 217 34.65 -7.86 24.29
N SER A 218 34.95 -7.10 25.34
CA SER A 218 36.37 -6.80 25.64
C SER A 218 37.21 -8.02 25.98
N SER A 219 36.59 -9.09 26.41
CA SER A 219 37.35 -10.29 26.73
C SER A 219 37.11 -11.43 25.76
N SER A 220 36.60 -11.11 24.58
CA SER A 220 36.28 -12.12 23.60
C SER A 220 37.50 -12.76 22.98
N ALA A 221 37.41 -14.07 22.74
CA ALA A 221 38.46 -14.85 22.11
C ALA A 221 38.14 -14.93 20.63
N ARG A 222 36.87 -14.70 20.29
CA ARG A 222 36.43 -14.78 18.89
C ARG A 222 36.61 -13.46 18.14
N VAL A 223 36.28 -12.35 18.79
CA VAL A 223 36.38 -11.04 18.15
C VAL A 223 37.66 -10.40 18.61
N LYS A 224 38.60 -10.31 17.67
CA LYS A 224 39.98 -9.81 17.81
C LYS A 224 40.24 -8.35 18.14
N ASP A 225 39.85 -7.49 17.22
CA ASP A 225 40.06 -6.06 17.34
C ASP A 225 38.76 -5.42 16.86
N PHE A 226 37.86 -5.25 17.81
CA PHE A 226 36.55 -4.72 17.52
C PHE A 226 36.56 -3.38 16.79
N GLU A 227 37.42 -2.45 17.20
CA GLU A 227 37.45 -1.15 16.57
C GLU A 227 38.02 -1.15 15.13
N ASP A 228 38.67 -2.23 14.74
CA ASP A 228 39.19 -2.31 13.39
C ASP A 228 38.17 -2.95 12.44
N LEU A 229 37.05 -3.45 12.97
CA LEU A 229 36.04 -4.03 12.06
C LEU A 229 35.42 -2.89 11.24
N TYR A 230 34.86 -3.27 10.10
CA TYR A 230 34.15 -2.30 9.27
C TYR A 230 32.68 -2.24 9.62
N PHE A 231 32.19 -1.04 9.86
CA PHE A 231 30.76 -0.81 10.10
C PHE A 231 30.20 -0.73 8.68
N THR A 232 29.45 -1.74 8.27
CA THR A 232 29.08 -1.80 6.87
C THR A 232 27.79 -1.14 6.47
N VAL A 233 26.80 -1.10 7.35
CA VAL A 233 25.44 -0.74 6.96
C VAL A 233 24.63 -0.38 8.19
N TRP A 234 23.51 0.30 7.94
CA TRP A 234 22.52 0.51 9.00
C TRP A 234 21.19 0.13 8.39
N GLU A 235 20.59 -0.95 8.92
CA GLU A 235 19.34 -1.50 8.46
C GLU A 235 18.24 -1.18 9.42
N ILE A 236 17.05 -0.88 8.92
CA ILE A 236 15.91 -0.52 9.76
C ILE A 236 14.74 -1.33 9.27
N GLY A 237 14.11 -2.16 10.13
CA GLY A 237 13.02 -2.98 9.67
C GLY A 237 12.31 -3.72 10.77
N THR A 238 11.54 -4.73 10.39
CA THR A 238 10.78 -5.51 11.38
C THR A 238 10.98 -6.98 11.18
N GLU A 239 11.67 -7.65 12.09
CA GLU A 239 11.69 -9.12 11.97
C GLU A 239 10.35 -9.67 12.36
N PHE A 240 9.95 -10.79 11.78
CA PHE A 240 8.70 -11.39 12.19
C PHE A 240 8.72 -12.87 12.04
N GLY A 241 7.83 -13.52 12.79
CA GLY A 241 7.60 -14.95 12.72
C GLY A 241 8.47 -15.76 13.67
N SER A 242 7.95 -16.97 13.82
CA SER A 242 8.66 -18.04 14.58
C SER A 242 8.46 -19.31 13.70
N PRO A 243 9.06 -20.43 14.14
CA PRO A 243 8.89 -21.67 13.36
C PRO A 243 7.44 -22.19 13.36
N GLU A 244 6.60 -21.70 14.27
CA GLU A 244 5.22 -22.13 14.28
C GLU A 244 4.28 -21.19 13.57
N THR A 245 4.76 -20.05 13.05
CA THR A 245 3.85 -19.10 12.45
C THR A 245 3.37 -19.58 11.09
N LYS A 246 2.08 -19.71 10.94
CA LYS A 246 1.52 -20.20 9.71
C LYS A 246 0.94 -19.10 8.85
N SER A 247 0.67 -17.93 9.44
CA SER A 247 0.10 -16.79 8.70
C SER A 247 0.56 -15.54 9.41
N ALA A 248 0.60 -14.43 8.68
CA ALA A 248 1.09 -13.18 9.27
C ALA A 248 0.37 -12.01 8.65
N GLN A 249 -0.19 -11.16 9.51
CA GLN A 249 -0.87 -9.94 9.02
C GLN A 249 -0.25 -8.80 9.84
N PHE A 250 0.48 -7.90 9.18
CA PHE A 250 1.11 -6.79 9.87
C PHE A 250 1.55 -5.79 8.84
N GLY A 251 1.95 -4.63 9.33
CA GLY A 251 2.48 -3.63 8.40
C GLY A 251 3.11 -2.51 9.18
N TRP A 252 3.67 -1.55 8.45
CA TRP A 252 4.27 -0.43 9.08
C TRP A 252 4.47 0.72 8.13
N LYS A 253 4.76 1.87 8.70
CA LYS A 253 5.08 3.09 7.98
C LYS A 253 6.26 3.72 8.64
N PHE A 254 7.25 4.17 7.85
CA PHE A 254 8.39 4.91 8.32
C PHE A 254 8.43 6.26 7.60
N GLU A 255 8.70 7.29 8.38
CA GLU A 255 8.79 8.65 7.82
C GLU A 255 9.88 9.41 8.54
N ASN A 256 10.16 10.64 8.07
CA ASN A 256 11.06 11.53 8.83
C ASN A 256 12.42 11.01 9.10
N PHE A 257 12.97 10.35 8.06
CA PHE A 257 14.29 9.78 8.17
C PHE A 257 15.44 10.74 7.92
N SER A 258 16.40 10.69 8.82
CA SER A 258 17.63 11.45 8.62
C SER A 258 18.79 10.77 9.30
N ILE A 259 19.99 11.05 8.80
CA ILE A 259 21.19 10.52 9.41
C ILE A 259 22.28 11.60 9.42
N ASP A 260 23.25 11.42 10.30
CA ASP A 260 24.38 12.34 10.33
C ASP A 260 25.56 11.45 10.72
N LEU A 261 26.38 11.00 9.75
CA LEU A 261 27.57 10.23 10.05
C LEU A 261 28.77 11.20 10.10
N GLU A 262 29.49 11.20 11.21
CA GLU A 262 30.67 12.07 11.37
C GLU A 262 31.85 11.14 11.54
N VAL A 263 32.77 11.20 10.57
CA VAL A 263 33.96 10.38 10.53
C VAL A 263 35.17 11.30 10.47
N MET B 9 -9.04 -5.13 7.68
CA MET B 9 -8.04 -4.66 6.68
C MET B 9 -7.96 -5.61 5.49
N VAL B 10 -7.68 -5.06 4.32
CA VAL B 10 -7.62 -5.84 3.10
C VAL B 10 -6.41 -5.41 2.31
N LEU B 11 -5.71 -6.39 1.74
CA LEU B 11 -4.57 -6.13 0.84
C LEU B 11 -4.63 -7.09 -0.33
N MET B 12 -4.63 -6.56 -1.56
CA MET B 12 -4.61 -7.41 -2.75
C MET B 12 -3.51 -6.90 -3.62
N THR B 13 -2.78 -7.84 -4.23
CA THR B 13 -1.70 -7.52 -5.13
C THR B 13 -1.83 -8.21 -6.49
N LYS B 14 -3.01 -8.70 -6.77
CA LYS B 14 -3.27 -9.28 -8.09
C LYS B 14 -4.79 -9.13 -8.25
N PRO B 15 -5.31 -9.28 -9.46
CA PRO B 15 -6.76 -9.15 -9.67
C PRO B 15 -7.58 -9.99 -8.76
N GLY B 16 -8.67 -9.39 -8.25
CA GLY B 16 -9.52 -10.15 -7.36
C GLY B 16 -10.48 -9.20 -6.68
N THR B 17 -11.35 -9.79 -5.86
CA THR B 17 -12.35 -9.05 -5.11
C THR B 17 -12.30 -9.42 -3.66
N SER B 18 -12.47 -8.43 -2.81
CA SER B 18 -12.55 -8.62 -1.37
C SER B 18 -13.68 -7.77 -0.78
N ASP B 19 -14.41 -8.32 0.19
CA ASP B 19 -15.44 -7.53 0.86
C ASP B 19 -14.85 -6.91 2.12
N PHE B 20 -15.45 -5.79 2.54
CA PHE B 20 -14.99 -5.08 3.72
C PHE B 20 -16.11 -4.23 4.26
N VAL B 21 -15.84 -3.57 5.38
CA VAL B 21 -16.84 -2.68 6.00
C VAL B 21 -16.13 -1.39 6.32
N TRP B 22 -16.72 -0.29 5.89
CA TRP B 22 -16.11 1.02 6.10
C TRP B 22 -17.16 1.94 6.74
N ASN B 23 -16.87 2.39 7.97
CA ASN B 23 -17.84 3.31 8.63
C ASN B 23 -19.21 2.64 8.67
N GLY B 24 -19.23 1.34 8.93
CA GLY B 24 -20.46 0.56 9.00
C GLY B 24 -21.14 0.20 7.71
N ILE B 25 -20.54 0.60 6.58
CA ILE B 25 -21.14 0.34 5.25
C ILE B 25 -20.47 -0.90 4.62
N PRO B 26 -21.24 -1.94 4.26
CA PRO B 26 -20.63 -3.14 3.63
C PRO B 26 -20.29 -2.77 2.19
N LEU B 27 -19.07 -3.15 1.77
CA LEU B 27 -18.55 -2.78 0.43
C LEU B 27 -17.71 -3.90 -0.12
N SER B 28 -17.44 -3.81 -1.42
CA SER B 28 -16.54 -4.73 -2.11
C SER B 28 -15.43 -3.90 -2.80
N MET B 29 -14.18 -4.38 -2.75
CA MET B 29 -13.05 -3.74 -3.46
C MET B 29 -12.64 -4.72 -4.59
N GLU B 30 -12.46 -4.18 -5.78
CA GLU B 30 -12.02 -5.07 -6.86
C GLU B 30 -10.79 -4.47 -7.56
N LEU B 31 -9.71 -5.28 -7.55
CA LEU B 31 -8.48 -4.87 -8.26
C LEU B 31 -8.79 -5.39 -9.65
N ASN B 32 -9.42 -4.53 -10.42
CA ASN B 32 -10.08 -4.87 -11.67
C ASN B 32 -9.25 -4.47 -12.88
N LEU B 33 -8.65 -5.49 -13.49
CA LEU B 33 -7.82 -5.28 -14.71
C LEU B 33 -8.52 -6.06 -15.82
N TRP B 34 -9.83 -5.80 -15.96
CA TRP B 34 -10.68 -6.64 -16.81
C TRP B 34 -10.30 -6.77 -18.28
N ASN B 35 -9.71 -5.75 -18.85
CA ASN B 35 -9.33 -5.83 -20.29
C ASN B 35 -7.84 -5.93 -20.51
N ILE B 36 -7.11 -6.39 -19.50
CA ILE B 36 -5.66 -6.55 -19.70
C ILE B 36 -5.37 -8.03 -19.97
N LYS B 37 -4.71 -8.26 -21.12
CA LYS B 37 -4.32 -9.61 -21.51
C LYS B 37 -3.20 -10.17 -20.62
N GLU B 38 -2.20 -9.34 -20.34
CA GLU B 38 -1.08 -9.72 -19.47
C GLU B 38 -0.42 -8.42 -19.01
N TYR B 39 0.34 -8.51 -17.93
CA TYR B 39 1.09 -7.38 -17.44
C TYR B 39 2.31 -7.86 -16.67
N SER B 40 3.31 -7.00 -16.64
CA SER B 40 4.44 -7.20 -15.75
C SER B 40 4.38 -6.04 -14.72
N GLY B 41 5.13 -6.13 -13.61
CA GLY B 41 5.15 -5.06 -12.65
C GLY B 41 4.27 -5.34 -11.47
N SER B 42 3.86 -4.26 -10.81
CA SER B 42 3.15 -4.39 -9.54
C SER B 42 1.87 -3.61 -9.45
N VAL B 43 0.88 -4.20 -8.78
CA VAL B 43 -0.37 -3.49 -8.43
C VAL B 43 -0.62 -3.82 -6.95
N ALA B 44 -1.19 -2.86 -6.21
CA ALA B 44 -1.47 -3.07 -4.79
C ALA B 44 -2.67 -2.23 -4.42
N MET B 45 -3.65 -2.86 -3.80
CA MET B 45 -4.88 -2.18 -3.37
C MET B 45 -5.02 -2.53 -1.90
N LYS B 46 -5.32 -1.49 -1.12
CA LYS B 46 -5.38 -1.69 0.33
C LYS B 46 -6.51 -0.90 1.02
N PHE B 47 -7.10 -1.53 2.03
CA PHE B 47 -8.06 -0.81 2.84
C PHE B 47 -7.54 -0.99 4.27
N ASP B 48 -7.42 0.09 5.02
CA ASP B 48 -6.86 -0.05 6.37
C ASP B 48 -7.86 0.40 7.44
N GLY B 49 -9.14 0.44 7.11
CA GLY B 49 -10.15 0.90 8.08
C GLY B 49 -10.52 2.38 7.93
N GLU B 50 -9.63 3.18 7.36
CA GLU B 50 -9.88 4.59 7.20
C GLU B 50 -9.80 5.09 5.76
N LYS B 51 -9.05 4.38 4.91
CA LYS B 51 -8.87 4.84 3.53
C LYS B 51 -8.61 3.64 2.67
N ILE B 52 -8.94 3.83 1.40
CA ILE B 52 -8.66 2.82 0.39
C ILE B 52 -7.63 3.43 -0.52
N THR B 53 -6.57 2.65 -0.80
CA THR B 53 -5.53 3.14 -1.69
C THR B 53 -5.22 2.12 -2.77
N PHE B 54 -4.78 2.66 -3.90
CA PHE B 54 -4.42 1.81 -5.03
C PHE B 54 -3.16 2.40 -5.65
N ASP B 55 -2.24 1.50 -6.07
CA ASP B 55 -1.05 1.91 -6.77
C ASP B 55 -0.70 0.89 -7.85
N ALA B 56 -0.31 1.39 -9.02
CA ALA B 56 0.10 0.52 -10.11
C ALA B 56 1.36 1.07 -10.74
N ASP B 57 2.26 0.15 -11.05
CA ASP B 57 3.47 0.44 -11.88
C ASP B 57 3.62 -0.84 -12.70
N ILE B 58 2.90 -0.84 -13.82
CA ILE B 58 2.81 -2.02 -14.68
C ILE B 58 3.20 -1.78 -16.10
N GLN B 59 3.71 -2.84 -16.74
CA GLN B 59 4.18 -2.74 -18.15
C GLN B 59 3.71 -3.96 -18.92
N ASN B 60 4.20 -4.10 -20.14
CA ASN B 60 3.86 -5.21 -21.03
C ASN B 60 2.35 -5.35 -21.23
N LEU B 61 1.68 -4.21 -21.28
CA LEU B 61 0.20 -4.23 -21.40
C LEU B 61 -0.29 -4.34 -22.81
N SER B 62 -1.39 -5.08 -22.96
CA SER B 62 -2.10 -5.14 -24.27
C SER B 62 -3.51 -5.51 -23.85
N PRO B 63 -4.48 -5.12 -24.67
CA PRO B 63 -5.89 -5.42 -24.35
C PRO B 63 -6.31 -6.83 -24.67
N LYS B 64 -7.21 -7.41 -23.87
CA LYS B 64 -7.80 -8.68 -24.25
C LYS B 64 -8.67 -8.39 -25.50
N GLU B 65 -9.43 -7.29 -25.49
CA GLU B 65 -10.28 -6.88 -26.65
C GLU B 65 -10.01 -5.42 -26.92
N PRO B 66 -9.16 -5.10 -27.91
CA PRO B 66 -8.81 -3.71 -28.25
C PRO B 66 -10.00 -2.81 -28.53
N GLU B 67 -11.05 -3.42 -29.09
CA GLU B 67 -12.26 -2.65 -29.40
C GLU B 67 -12.89 -2.01 -28.16
N ARG B 68 -12.65 -2.59 -26.98
CA ARG B 68 -13.19 -2.01 -25.75
C ARG B 68 -12.38 -0.81 -25.25
N TYR B 69 -11.23 -0.55 -25.87
CA TYR B 69 -10.41 0.63 -25.64
C TYR B 69 -9.66 0.70 -24.30
N VAL B 70 -10.37 0.80 -23.17
CA VAL B 70 -9.69 0.90 -21.86
C VAL B 70 -9.14 -0.46 -21.42
N LEU B 71 -8.26 -0.40 -20.41
CA LEU B 71 -7.63 -1.60 -19.93
C LEU B 71 -8.14 -2.14 -18.60
N GLY B 72 -8.56 -1.23 -17.71
CA GLY B 72 -9.03 -1.69 -16.40
C GLY B 72 -9.77 -0.59 -15.64
N TYR B 73 -10.23 -0.98 -14.44
CA TYR B 73 -11.07 -0.11 -13.61
C TYR B 73 -10.97 -0.47 -12.12
N PRO B 74 -9.80 -0.28 -11.52
CA PRO B 74 -9.69 -0.59 -10.09
C PRO B 74 -10.73 0.26 -9.35
N GLU B 75 -11.42 -0.37 -8.41
CA GLU B 75 -12.61 0.27 -7.86
C GLU B 75 -13.06 -0.34 -6.55
N PHE B 76 -14.03 0.33 -5.92
CA PHE B 76 -14.73 -0.26 -4.80
C PHE B 76 -16.22 0.02 -5.07
N TYR B 77 -17.09 -0.77 -4.49
CA TYR B 77 -18.52 -0.58 -4.78
C TYR B 77 -19.44 -1.02 -3.66
N TYR B 78 -20.62 -0.39 -3.69
CA TYR B 78 -21.73 -0.69 -2.79
C TYR B 78 -22.81 -1.38 -3.61
N GLY B 79 -23.23 -2.55 -3.19
CA GLY B 79 -24.27 -3.27 -3.90
C GLY B 79 -23.78 -4.47 -4.69
N TYR B 80 -24.57 -4.87 -5.68
CA TYR B 80 -24.39 -6.04 -6.49
C TYR B 80 -23.85 -5.72 -7.86
N LYS B 81 -22.63 -6.17 -8.17
CA LYS B 81 -22.02 -5.90 -9.47
C LYS B 81 -22.42 -7.10 -10.36
N PRO B 82 -23.27 -6.90 -11.34
CA PRO B 82 -23.72 -8.03 -12.20
C PRO B 82 -22.63 -8.86 -12.83
N TRP B 83 -21.64 -8.20 -13.39
CA TRP B 83 -20.57 -8.89 -14.08
C TRP B 83 -19.78 -9.84 -13.20
N GLU B 84 -19.83 -9.66 -11.89
CA GLU B 84 -19.09 -10.58 -11.01
C GLU B 84 -19.99 -11.40 -10.13
N ASN B 85 -21.31 -11.25 -10.34
CA ASN B 85 -22.33 -11.96 -9.55
C ASN B 85 -21.92 -11.86 -8.10
N HIS B 86 -21.68 -10.63 -7.65
CA HIS B 86 -21.16 -10.41 -6.34
C HIS B 86 -21.68 -9.25 -5.58
N THR B 87 -22.00 -9.51 -4.33
CA THR B 87 -22.36 -8.44 -3.41
C THR B 87 -21.90 -8.77 -2.00
N ALA B 88 -21.50 -7.74 -1.25
CA ALA B 88 -21.18 -7.93 0.16
C ALA B 88 -22.52 -8.16 0.85
N GLU B 89 -22.47 -8.73 2.05
CA GLU B 89 -23.72 -8.93 2.80
C GLU B 89 -24.21 -7.65 3.41
N GLY B 90 -25.54 -7.50 3.48
CA GLY B 90 -26.11 -6.33 4.13
C GLY B 90 -26.32 -5.07 3.31
N SER B 91 -26.16 -5.19 2.00
CA SER B 91 -26.36 -4.04 1.16
C SER B 91 -27.87 -3.81 0.95
N LYS B 92 -28.26 -2.57 0.72
CA LYS B 92 -29.65 -2.21 0.49
C LYS B 92 -29.96 -2.24 -1.01
N LEU B 93 -28.94 -2.50 -1.84
CA LEU B 93 -29.15 -2.61 -3.29
C LEU B 93 -29.10 -4.08 -3.70
N PRO B 94 -29.71 -4.47 -4.82
CA PRO B 94 -30.45 -3.64 -5.78
C PRO B 94 -31.89 -3.28 -5.36
N VAL B 95 -32.37 -2.19 -5.93
CA VAL B 95 -33.77 -1.77 -5.75
C VAL B 95 -34.21 -1.19 -7.07
N PRO B 96 -35.52 -1.22 -7.37
CA PRO B 96 -36.00 -0.63 -8.62
C PRO B 96 -35.67 0.88 -8.61
N VAL B 97 -35.37 1.43 -9.78
CA VAL B 97 -35.05 2.84 -9.89
C VAL B 97 -36.19 3.69 -9.32
N SER B 98 -37.42 3.27 -9.60
CA SER B 98 -38.61 4.01 -9.14
C SER B 98 -38.68 4.11 -7.63
N SER B 99 -38.05 3.19 -6.90
CA SER B 99 -38.04 3.24 -5.44
C SER B 99 -36.94 4.15 -4.89
N MET B 100 -36.09 4.69 -5.76
CA MET B 100 -35.02 5.51 -5.23
C MET B 100 -35.38 6.95 -5.08
N LYS B 101 -35.60 7.39 -3.85
CA LYS B 101 -35.94 8.78 -3.63
C LYS B 101 -34.71 9.66 -3.68
N SER B 102 -33.62 9.20 -3.08
CA SER B 102 -32.40 9.97 -3.10
C SER B 102 -31.27 9.03 -2.71
N PHE B 103 -30.07 9.37 -3.17
CA PHE B 103 -28.90 8.53 -2.89
C PHE B 103 -27.72 9.47 -2.89
N SER B 104 -27.40 9.96 -1.71
CA SER B 104 -26.29 10.89 -1.56
C SER B 104 -25.01 10.09 -1.40
N VAL B 105 -23.99 10.49 -2.14
CA VAL B 105 -22.69 9.86 -2.06
C VAL B 105 -21.68 10.95 -1.75
N GLU B 106 -20.80 10.70 -0.76
CA GLU B 106 -19.77 11.66 -0.45
C GLU B 106 -18.42 10.92 -0.32
N VAL B 107 -17.41 11.50 -0.92
CA VAL B 107 -16.05 10.90 -0.85
C VAL B 107 -14.97 11.97 -1.14
N SER B 108 -13.80 11.81 -0.49
CA SER B 108 -12.63 12.63 -0.72
C SER B 108 -11.70 11.73 -1.56
N PHE B 109 -10.99 12.33 -2.48
CA PHE B 109 -10.15 11.57 -3.40
C PHE B 109 -8.92 12.36 -3.78
N ASP B 110 -7.87 11.63 -4.15
CA ASP B 110 -6.64 12.24 -4.59
C ASP B 110 -6.08 11.26 -5.63
N ILE B 111 -6.06 11.67 -6.87
CA ILE B 111 -5.58 10.83 -7.96
C ILE B 111 -4.28 11.33 -8.53
N HIS B 112 -3.33 10.42 -8.75
CA HIS B 112 -2.06 10.80 -9.33
C HIS B 112 -1.77 9.92 -10.51
N HIS B 113 -1.10 10.45 -11.54
CA HIS B 113 -0.84 9.63 -12.70
C HIS B 113 0.26 10.20 -13.57
N GLU B 114 0.96 9.34 -14.31
CA GLU B 114 1.98 9.83 -15.23
C GLU B 114 1.18 10.73 -16.19
N PRO B 115 1.77 11.83 -16.62
CA PRO B 115 1.03 12.76 -17.50
C PRO B 115 0.26 12.34 -18.71
N SER B 116 0.78 11.40 -19.48
CA SER B 116 0.14 10.99 -20.70
C SER B 116 -0.92 9.89 -20.56
N LEU B 117 -1.07 9.36 -19.36
CA LEU B 117 -1.94 8.20 -19.23
C LEU B 117 -3.45 8.45 -19.39
N PRO B 118 -4.10 7.71 -20.30
CA PRO B 118 -5.56 7.90 -20.46
C PRO B 118 -6.17 7.39 -19.15
N LEU B 119 -6.93 8.24 -18.49
CA LEU B 119 -7.47 7.87 -17.21
C LEU B 119 -8.67 8.69 -16.86
N ASN B 120 -9.56 8.13 -16.07
CA ASN B 120 -10.63 8.97 -15.55
C ASN B 120 -10.88 8.62 -14.08
N PHE B 121 -11.67 9.47 -13.39
CA PHE B 121 -12.15 9.14 -12.05
C PHE B 121 -13.64 9.07 -12.35
N ALA B 122 -14.21 7.88 -12.32
CA ALA B 122 -15.59 7.66 -12.73
C ALA B 122 -16.33 6.76 -11.81
N MET B 123 -17.58 7.14 -11.55
CA MET B 123 -18.46 6.33 -10.74
C MET B 123 -19.48 5.74 -11.68
N GLU B 124 -20.07 4.62 -11.34
CA GLU B 124 -21.06 4.07 -12.26
C GLU B 124 -22.03 3.10 -11.64
N THR B 125 -23.15 2.96 -12.32
CA THR B 125 -24.15 1.99 -11.93
C THR B 125 -24.58 1.19 -13.16
N TRP B 126 -25.22 0.05 -12.90
CA TRP B 126 -25.77 -0.82 -13.93
C TRP B 126 -27.26 -0.95 -13.61
N LEU B 127 -28.10 -0.60 -14.58
CA LEU B 127 -29.56 -0.70 -14.41
C LEU B 127 -29.99 -1.88 -15.26
N THR B 128 -30.54 -2.90 -14.61
CA THR B 128 -30.87 -4.13 -15.33
C THR B 128 -32.34 -4.51 -15.28
N ARG B 129 -32.77 -5.29 -16.28
CA ARG B 129 -34.18 -5.68 -16.29
C ARG B 129 -34.52 -6.60 -15.15
N GLU B 130 -33.65 -7.57 -14.87
CA GLU B 130 -33.84 -8.47 -13.75
C GLU B 130 -32.93 -8.05 -12.59
N LYS B 131 -33.27 -8.44 -11.37
CA LYS B 131 -32.55 -7.99 -10.19
C LYS B 131 -31.12 -8.46 -10.08
N TYR B 132 -30.89 -9.73 -10.41
CA TYR B 132 -29.55 -10.32 -10.31
C TYR B 132 -29.04 -10.96 -11.58
N GLN B 133 -28.90 -10.15 -12.60
CA GLN B 133 -28.33 -10.61 -13.87
C GLN B 133 -26.84 -10.80 -13.66
N THR B 134 -26.25 -11.57 -14.57
CA THR B 134 -24.81 -11.81 -14.52
C THR B 134 -24.11 -11.12 -15.68
N GLU B 135 -24.86 -10.30 -16.42
CA GLU B 135 -24.31 -9.52 -17.51
C GLU B 135 -25.33 -8.45 -17.84
N ALA B 136 -24.97 -7.53 -18.73
CA ALA B 136 -25.90 -6.49 -19.19
C ALA B 136 -26.03 -6.70 -20.69
N SER B 137 -27.21 -6.44 -21.23
CA SER B 137 -27.38 -6.61 -22.65
C SER B 137 -28.43 -5.63 -23.11
N ILE B 138 -28.99 -5.84 -24.31
CA ILE B 138 -29.99 -4.87 -24.84
C ILE B 138 -31.18 -4.77 -23.91
N GLY B 139 -31.52 -3.54 -23.51
CA GLY B 139 -32.58 -3.29 -22.57
C GLY B 139 -32.03 -2.76 -21.25
N ASP B 140 -30.74 -3.04 -21.00
CA ASP B 140 -30.04 -2.57 -19.79
C ASP B 140 -29.24 -1.28 -20.06
N VAL B 141 -28.86 -0.61 -18.98
CA VAL B 141 -28.17 0.67 -19.07
C VAL B 141 -27.00 0.73 -18.11
N CYS B 142 -25.92 1.32 -18.57
CA CYS B 142 -24.81 1.61 -17.69
C CYS B 142 -24.77 3.15 -17.63
N ILE B 143 -24.73 3.74 -16.42
CA ILE B 143 -24.58 5.18 -16.32
C ILE B 143 -23.27 5.47 -15.58
N MET B 144 -22.42 6.26 -16.19
CA MET B 144 -21.14 6.66 -15.55
C MET B 144 -21.16 8.14 -15.23
N VAL B 145 -20.45 8.54 -14.18
CA VAL B 145 -20.36 9.93 -13.79
C VAL B 145 -18.85 10.20 -13.65
N TRP B 146 -18.29 10.99 -14.56
CA TRP B 146 -16.85 11.27 -14.59
C TRP B 146 -16.51 12.59 -13.94
N PHE B 147 -15.87 12.58 -12.78
CA PHE B 147 -15.42 13.83 -12.13
C PHE B 147 -14.05 14.30 -12.64
N TYR B 148 -13.30 13.39 -13.25
CA TYR B 148 -11.99 13.72 -13.78
C TYR B 148 -11.69 12.90 -15.01
N PHE B 149 -10.87 13.43 -15.90
CA PHE B 149 -10.39 12.70 -17.05
C PHE B 149 -9.07 13.30 -17.49
N ASN B 150 -8.24 12.46 -18.11
CA ASN B 150 -6.95 12.90 -18.63
C ASN B 150 -6.74 12.11 -19.88
N ASN B 151 -6.59 12.77 -21.03
CA ASN B 151 -6.36 12.01 -22.23
C ASN B 151 -7.35 10.89 -22.53
N LEU B 152 -8.63 11.14 -22.32
CA LEU B 152 -9.62 10.11 -22.49
C LEU B 152 -10.99 10.75 -22.68
N THR B 153 -11.72 10.27 -23.69
CA THR B 153 -13.06 10.80 -23.91
C THR B 153 -14.02 9.61 -23.71
N PRO B 154 -15.28 9.90 -23.34
CA PRO B 154 -16.24 8.81 -23.16
C PRO B 154 -16.53 8.14 -24.47
N GLY B 155 -17.18 6.99 -24.39
CA GLY B 155 -17.54 6.28 -25.60
C GLY B 155 -18.74 6.96 -26.25
N GLY B 156 -19.03 6.58 -27.49
CA GLY B 156 -20.20 7.14 -28.19
C GLY B 156 -20.06 8.59 -28.62
N GLU B 157 -21.17 9.33 -28.61
CA GLU B 157 -21.11 10.74 -29.01
C GLU B 157 -21.82 11.64 -27.99
N LYS B 158 -21.38 12.89 -27.90
CA LYS B 158 -21.94 13.83 -26.97
C LYS B 158 -23.29 14.23 -27.56
N ILE B 159 -24.35 14.06 -26.79
CA ILE B 159 -25.67 14.39 -27.27
C ILE B 159 -26.29 15.64 -26.66
N GLU B 160 -25.84 16.04 -25.48
CA GLU B 160 -26.33 17.25 -24.82
C GLU B 160 -25.54 17.55 -23.58
N GLU B 161 -25.91 18.61 -22.90
CA GLU B 161 -25.31 19.04 -21.66
C GLU B 161 -26.39 19.27 -20.62
N PHE B 162 -26.06 18.98 -19.37
CA PHE B 162 -26.95 19.14 -18.25
C PHE B 162 -26.25 19.96 -17.19
N THR B 163 -27.00 20.76 -16.46
CA THR B 163 -26.40 21.52 -15.39
C THR B 163 -26.89 20.78 -14.16
N ILE B 164 -25.96 20.16 -13.44
CA ILE B 164 -26.31 19.38 -12.26
C ILE B 164 -25.42 19.81 -11.13
N PRO B 165 -26.03 20.09 -9.97
CA PRO B 165 -25.29 20.53 -8.80
C PRO B 165 -24.59 19.44 -7.99
N PHE B 166 -23.55 19.86 -7.28
CA PHE B 166 -22.81 19.02 -6.37
C PHE B 166 -22.05 19.93 -5.43
N VAL B 167 -21.58 19.35 -4.35
CA VAL B 167 -20.81 20.13 -3.37
C VAL B 167 -19.36 19.73 -3.55
N LEU B 168 -18.51 20.71 -3.80
CA LEU B 168 -17.10 20.51 -4.03
C LEU B 168 -16.36 21.25 -2.93
N ASN B 169 -15.59 20.52 -2.13
CA ASN B 169 -14.83 21.12 -1.05
C ASN B 169 -15.69 22.10 -0.28
N GLY B 170 -16.94 21.73 -0.09
CA GLY B 170 -17.87 22.56 0.65
C GLY B 170 -18.60 23.63 -0.13
N GLU B 171 -18.13 24.02 -1.31
CA GLU B 171 -18.88 25.06 -2.00
C GLU B 171 -19.91 24.41 -2.94
N SER B 172 -21.10 24.99 -2.98
CA SER B 172 -22.17 24.46 -3.81
C SER B 172 -21.86 24.92 -5.18
N VAL B 173 -21.76 24.01 -6.10
CA VAL B 173 -21.46 24.41 -7.44
C VAL B 173 -22.46 23.82 -8.38
N GLU B 174 -22.62 24.47 -9.51
CA GLU B 174 -23.52 23.97 -10.54
C GLU B 174 -22.62 23.45 -11.61
N GLY B 175 -22.46 22.13 -11.69
CA GLY B 175 -21.57 21.64 -12.73
C GLY B 175 -22.20 21.52 -14.08
N THR B 176 -21.39 21.65 -15.12
CA THR B 176 -21.84 21.48 -16.50
C THR B 176 -21.36 20.07 -16.89
N TRP B 177 -22.31 19.22 -17.22
CA TRP B 177 -22.01 17.83 -17.55
C TRP B 177 -22.32 17.46 -18.97
N GLU B 178 -21.33 17.00 -19.74
CA GLU B 178 -21.61 16.54 -21.09
C GLU B 178 -22.20 15.15 -21.00
N LEU B 179 -23.27 14.87 -21.72
CA LEU B 179 -23.80 13.51 -21.70
C LEU B 179 -23.43 12.88 -23.00
N TRP B 180 -22.69 11.79 -22.90
CA TRP B 180 -22.26 11.01 -24.04
C TRP B 180 -23.08 9.73 -24.04
N LEU B 181 -23.55 9.32 -25.19
CA LEU B 181 -24.37 8.12 -25.34
C LEU B 181 -23.84 7.19 -26.42
N ALA B 182 -23.79 5.90 -26.11
CA ALA B 182 -23.42 4.86 -27.08
C ALA B 182 -24.43 3.70 -26.96
N GLU B 183 -24.86 3.15 -28.09
CA GLU B 183 -25.81 2.03 -27.99
C GLU B 183 -25.10 0.77 -28.41
N TRP B 184 -24.28 0.23 -27.52
CA TRP B 184 -23.52 -0.98 -27.77
C TRP B 184 -24.36 -2.22 -27.42
N GLY B 185 -23.73 -3.17 -26.74
CA GLY B 185 -24.39 -4.39 -26.32
C GLY B 185 -25.44 -4.09 -25.29
N TRP B 186 -25.37 -2.87 -24.74
CA TRP B 186 -26.32 -2.30 -23.78
C TRP B 186 -26.21 -0.78 -23.99
N ASP B 187 -27.01 0.03 -23.29
CA ASP B 187 -26.86 1.48 -23.49
C ASP B 187 -25.86 2.01 -22.50
N TYR B 188 -24.93 2.80 -22.99
CA TYR B 188 -23.88 3.42 -22.20
C TYR B 188 -24.16 4.94 -22.15
N LEU B 189 -24.27 5.49 -20.96
CA LEU B 189 -24.45 6.94 -20.78
C LEU B 189 -23.33 7.38 -19.89
N ALA B 190 -22.55 8.38 -20.30
CA ALA B 190 -21.51 8.91 -19.44
C ALA B 190 -21.69 10.40 -19.30
N PHE B 191 -21.80 10.87 -18.07
CA PHE B 191 -21.89 12.29 -17.77
C PHE B 191 -20.47 12.75 -17.44
N ARG B 192 -19.87 13.61 -18.27
CA ARG B 192 -18.51 14.05 -18.02
C ARG B 192 -18.50 15.50 -17.57
N LEU B 193 -17.94 15.76 -16.39
CA LEU B 193 -17.84 17.12 -15.88
C LEU B 193 -16.91 17.92 -16.76
N LYS B 194 -17.34 19.13 -17.15
CA LYS B 194 -16.50 19.90 -18.04
C LYS B 194 -15.29 20.50 -17.36
N ASP B 195 -15.34 20.68 -16.04
CA ASP B 195 -14.19 21.22 -15.28
C ASP B 195 -13.69 20.05 -14.42
N PRO B 196 -12.83 19.18 -14.99
CA PRO B 196 -12.36 18.04 -14.19
C PRO B 196 -11.59 18.39 -12.93
N VAL B 197 -11.79 17.54 -11.92
CA VAL B 197 -11.22 17.70 -10.59
C VAL B 197 -10.38 16.45 -10.27
N LYS B 198 -9.08 16.67 -10.06
CA LYS B 198 -8.12 15.62 -9.78
C LYS B 198 -8.03 15.23 -8.30
N LYS B 199 -8.33 16.19 -7.43
CA LYS B 199 -8.25 15.97 -6.01
C LYS B 199 -9.30 16.82 -5.37
N GLY B 200 -9.90 16.32 -4.32
CA GLY B 200 -10.94 17.09 -3.63
C GLY B 200 -11.93 16.27 -2.87
N ARG B 201 -13.04 16.89 -2.50
CA ARG B 201 -14.08 16.21 -1.78
C ARG B 201 -15.39 16.56 -2.47
N VAL B 202 -16.18 15.54 -2.79
CA VAL B 202 -17.46 15.80 -3.45
C VAL B 202 -18.58 15.10 -2.77
N LYS B 203 -19.74 15.74 -2.83
CA LYS B 203 -20.94 15.16 -2.29
C LYS B 203 -22.03 15.48 -3.32
N PHE B 204 -22.84 14.48 -3.67
CA PHE B 204 -23.89 14.73 -4.68
C PHE B 204 -24.95 13.66 -4.56
N ASP B 205 -26.09 13.92 -5.21
CA ASP B 205 -27.21 13.01 -5.16
C ASP B 205 -27.38 12.31 -6.51
N VAL B 206 -27.19 11.00 -6.48
CA VAL B 206 -27.26 10.20 -7.70
C VAL B 206 -28.60 10.36 -8.37
N ARG B 207 -29.63 10.74 -7.58
CA ARG B 207 -30.95 10.90 -8.20
C ARG B 207 -30.93 11.90 -9.35
N HIS B 208 -30.12 12.97 -9.28
CA HIS B 208 -30.09 13.94 -10.38
C HIS B 208 -29.60 13.30 -11.67
N PHE B 209 -28.65 12.37 -11.58
CA PHE B 209 -28.16 11.72 -12.78
C PHE B 209 -29.15 10.69 -13.31
N LEU B 210 -29.86 10.01 -12.41
CA LEU B 210 -30.88 9.07 -12.87
C LEU B 210 -31.98 9.84 -13.58
N ASP B 211 -32.34 11.01 -13.07
CA ASP B 211 -33.42 11.78 -13.69
C ASP B 211 -33.01 12.24 -15.08
N ALA B 212 -31.78 12.78 -15.21
CA ALA B 212 -31.28 13.20 -16.49
C ALA B 212 -31.20 12.02 -17.45
N ALA B 213 -30.73 10.85 -16.99
CA ALA B 213 -30.65 9.69 -17.84
C ALA B 213 -32.03 9.22 -18.30
N GLY B 214 -33.01 9.24 -17.40
CA GLY B 214 -34.38 8.84 -17.71
C GLY B 214 -34.92 9.77 -18.79
N LYS B 215 -34.62 11.04 -18.67
CA LYS B 215 -35.08 11.98 -19.72
C LYS B 215 -34.41 11.68 -21.04
N ALA B 216 -33.10 11.50 -21.06
CA ALA B 216 -32.43 11.20 -22.31
C ALA B 216 -32.88 9.89 -22.97
N LEU B 217 -33.28 8.90 -22.17
CA LEU B 217 -33.68 7.61 -22.72
C LEU B 217 -35.18 7.45 -22.92
N SER B 218 -35.94 8.50 -22.61
CA SER B 218 -37.40 8.46 -22.74
C SER B 218 -37.86 7.97 -24.10
N SER B 219 -37.17 8.41 -25.13
CA SER B 219 -37.54 8.04 -26.47
C SER B 219 -36.79 6.87 -27.04
N SER B 220 -36.05 6.16 -26.19
CA SER B 220 -35.28 5.00 -26.65
C SER B 220 -36.11 3.81 -27.12
N ALA B 221 -35.69 3.21 -28.22
CA ALA B 221 -36.34 2.05 -28.77
C ALA B 221 -35.76 0.77 -28.11
N ARG B 222 -34.72 0.93 -27.29
CA ARG B 222 -34.07 -0.20 -26.64
C ARG B 222 -34.46 -0.36 -25.14
N VAL B 223 -34.68 0.75 -24.42
CA VAL B 223 -35.04 0.68 -23.00
C VAL B 223 -36.56 0.76 -22.78
N LYS B 224 -37.16 -0.34 -22.33
CA LYS B 224 -38.62 -0.40 -22.17
C LYS B 224 -39.26 0.56 -21.17
N ASP B 225 -38.85 0.47 -19.92
CA ASP B 225 -39.39 1.27 -18.82
C ASP B 225 -38.20 1.59 -17.92
N PHE B 226 -37.62 2.77 -18.06
CA PHE B 226 -36.44 3.12 -17.26
C PHE B 226 -36.63 2.98 -15.75
N GLU B 227 -37.74 3.49 -15.22
CA GLU B 227 -37.97 3.43 -13.78
C GLU B 227 -38.21 2.02 -13.22
N ASP B 228 -38.47 1.03 -14.09
CA ASP B 228 -38.68 -0.36 -13.64
C ASP B 228 -37.36 -1.15 -13.60
N LEU B 229 -36.30 -0.57 -14.16
CA LEU B 229 -35.01 -1.25 -14.08
C LEU B 229 -34.52 -1.25 -12.65
N TYR B 230 -33.66 -2.21 -12.34
CA TYR B 230 -33.07 -2.29 -11.02
C TYR B 230 -31.73 -1.55 -10.95
N PHE B 231 -31.60 -0.68 -9.98
CA PHE B 231 -30.36 0.07 -9.70
C PHE B 231 -29.59 -0.96 -8.85
N THR B 232 -28.54 -1.52 -9.44
CA THR B 232 -27.85 -2.64 -8.75
C THR B 232 -26.67 -2.33 -7.84
N VAL B 233 -25.99 -1.22 -8.14
CA VAL B 233 -24.70 -0.96 -7.51
C VAL B 233 -24.26 0.45 -7.72
N TRP B 234 -23.30 0.86 -6.94
CA TRP B 234 -22.67 2.16 -7.16
C TRP B 234 -21.18 1.85 -7.03
N GLU B 235 -20.49 2.02 -8.14
CA GLU B 235 -19.04 1.74 -8.24
C GLU B 235 -18.27 3.03 -8.27
N ILE B 236 -17.09 3.07 -7.67
CA ILE B 236 -16.26 4.25 -7.62
C ILE B 236 -14.83 3.79 -7.96
N GLY B 237 -14.24 4.35 -9.01
CA GLY B 237 -12.93 3.88 -9.41
C GLY B 237 -12.31 4.72 -10.51
N THR B 238 -11.28 4.19 -11.17
CA THR B 238 -10.58 4.93 -12.19
C THR B 238 -10.36 4.04 -13.39
N GLU B 239 -10.97 4.38 -14.53
CA GLU B 239 -10.70 3.60 -15.71
C GLU B 239 -9.35 4.09 -16.22
N PHE B 240 -8.61 3.21 -16.88
CA PHE B 240 -7.34 3.66 -17.43
C PHE B 240 -6.98 2.86 -18.65
N GLY B 241 -6.07 3.48 -19.44
CA GLY B 241 -5.49 2.78 -20.58
C GLY B 241 -6.17 3.02 -21.93
N SER B 242 -5.51 2.56 -22.98
CA SER B 242 -6.00 2.68 -24.35
C SER B 242 -5.34 1.51 -25.08
N PRO B 243 -5.70 1.24 -26.35
CA PRO B 243 -5.08 0.12 -27.05
C PRO B 243 -3.60 0.31 -27.32
N GLU B 244 -3.10 1.54 -27.16
CA GLU B 244 -1.67 1.79 -27.46
C GLU B 244 -0.87 1.90 -26.19
N THR B 245 -1.52 1.82 -25.01
CA THR B 245 -0.83 2.00 -23.73
C THR B 245 -0.09 0.73 -23.32
N LYS B 246 1.25 0.80 -23.25
CA LYS B 246 2.04 -0.36 -22.91
C LYS B 246 2.44 -0.41 -21.46
N SER B 247 2.38 0.73 -20.79
CA SER B 247 2.73 0.75 -19.36
C SER B 247 1.84 1.75 -18.71
N ALA B 248 1.72 1.64 -17.40
CA ALA B 248 0.86 2.54 -16.67
C ALA B 248 1.36 2.72 -15.24
N GLN B 249 1.54 3.98 -14.83
CA GLN B 249 1.98 4.31 -13.49
C GLN B 249 0.97 5.33 -12.95
N PHE B 250 0.23 4.93 -11.93
CA PHE B 250 -0.76 5.86 -11.32
C PHE B 250 -1.23 5.31 -10.01
N GLY B 251 -2.02 6.08 -9.26
CA GLY B 251 -2.52 5.59 -8.01
C GLY B 251 -3.51 6.57 -7.46
N TRP B 252 -4.14 6.19 -6.37
CA TRP B 252 -5.13 7.07 -5.74
C TRP B 252 -5.42 6.65 -4.33
N LYS B 253 -6.17 7.54 -3.66
CA LYS B 253 -6.57 7.35 -2.31
C LYS B 253 -8.01 7.90 -2.18
N PHE B 254 -8.86 7.14 -1.53
CA PHE B 254 -10.25 7.57 -1.26
C PHE B 254 -10.38 7.55 0.24
N GLU B 255 -10.99 8.62 0.79
CA GLU B 255 -11.24 8.74 2.22
C GLU B 255 -12.60 9.39 2.42
N ASN B 256 -12.98 9.54 3.68
CA ASN B 256 -14.22 10.26 4.03
C ASN B 256 -15.45 9.85 3.23
N PHE B 257 -15.70 8.55 3.18
CA PHE B 257 -16.81 8.01 2.42
C PHE B 257 -18.08 7.86 3.25
N SER B 258 -19.19 8.34 2.70
CA SER B 258 -20.45 8.16 3.38
C SER B 258 -21.53 8.10 2.33
N ILE B 259 -22.61 7.44 2.67
CA ILE B 259 -23.74 7.39 1.74
C ILE B 259 -25.03 7.55 2.52
N ASP B 260 -26.06 8.03 1.82
CA ASP B 260 -27.40 8.17 2.41
C ASP B 260 -28.38 7.71 1.33
N LEU B 261 -28.73 6.44 1.37
CA LEU B 261 -29.66 5.85 0.42
C LEU B 261 -31.10 5.82 1.00
N GLU B 262 -32.01 6.57 0.37
CA GLU B 262 -33.41 6.59 0.80
C GLU B 262 -34.29 5.89 -0.21
N VAL B 263 -34.84 4.76 0.20
CA VAL B 263 -35.68 3.96 -0.63
C VAL B 263 -37.10 3.95 -0.07
N ARG B 264 -38.08 4.23 -0.92
CA ARG B 264 -39.49 4.22 -0.49
C ARG B 264 -40.27 3.55 -1.59
#